data_5WM3
#
_entry.id   5WM3
#
_cell.length_a   122.413
_cell.length_b   122.413
_cell.length_c   88.092
_cell.angle_alpha   90.000
_cell.angle_beta   90.000
_cell.angle_gamma   120.000
#
_symmetry.space_group_name_H-M   'P 32 2 1'
#
loop_
_entity.id
_entity.type
_entity.pdbx_description
1 polymer 'Salicylate-AMP ligase'
2 non-polymer 9-(5-O-{(S)-hydroxy[(2-hydroxybenzene-1-carbonyl)oxy]phosphoryl}-alpha-L-lyxofuranosyl)-9H-purin-6-amine
3 non-polymer 'MAGNESIUM ION'
4 non-polymer 'ACETATE ION'
5 non-polymer GLYCEROL
6 water water
#
_entity_poly.entity_id   1
_entity_poly.type   'polypeptide(L)'
_entity_poly.pdbx_seq_one_letter_code
;MGSSHHHHHHSSGLVPRGSHMLDGWVPWPESFARRYRAAGYWEGRPLDRLLRERAAADPDRIALVDAAGDRWTYAELDRH
ADRQAAGLRRLGIGAGDRVVVQLPNTDAFVVLFFALLRAGAVPVLTLPAHRESEIVHVAETAGATAYVIPDVLDGFDHRA
LARAARKAVPSIEHVLVAGEAAEFTALADVDAAPVPLAEPDPGDVALLLLSGGTTGKPKLIPRTHDDYTYNVRASAEVCG
FDSDTVYLVVLPTAHNFALACPGLLGTLMVGGTVVLAPTPSPEDAFELIEREKVTATAVVPPVALLWLDAVEWEDADLSS
LRLLQVGGSKLGAEPAARVRPALGCTLQQVFGMAEGLLNYTRLDDPSDLVIQTQGRPLSPDDEIRVVDEDGRDVAPGETG
ELLTRGPYTLRGYYRAPEHNARTFSDDGFYRTGDLVRVLPSGHLVVEGRAKDQINRGGDKISAEELENHIMAHPGVHDAA
VVGMPDATMGERTCACLVPRAGRSAPAQRELAAFLTDRGVAAYKLPDRVEVMDAFPRTSVGKTDKKELGRRIAGQLRTED
GGVH
;
_entity_poly.pdbx_strand_id   A
#
# COMPACT_ATOMS: atom_id res chain seq x y z
N SER A 19 -28.54 2.08 3.26
CA SER A 19 -27.92 2.90 4.30
C SER A 19 -26.56 2.38 4.76
N HIS A 20 -25.54 3.24 4.72
CA HIS A 20 -24.17 2.86 5.05
C HIS A 20 -23.62 3.72 6.18
N MET A 21 -22.67 3.16 6.92
CA MET A 21 -22.11 3.83 8.10
C MET A 21 -21.39 5.13 7.73
N LEU A 22 -20.58 5.11 6.67
CA LEU A 22 -19.88 6.29 6.18
C LEU A 22 -20.55 6.81 4.92
N ASP A 23 -20.48 8.13 4.73
CA ASP A 23 -20.80 8.71 3.44
C ASP A 23 -19.50 8.99 2.70
N GLY A 24 -19.62 9.50 1.47
CA GLY A 24 -18.48 9.86 0.67
C GLY A 24 -17.85 8.75 -0.16
N TRP A 25 -18.43 7.55 -0.16
CA TRP A 25 -17.93 6.48 -1.00
C TRP A 25 -19.04 5.97 -1.93
N VAL A 26 -18.63 5.12 -2.85
CA VAL A 26 -19.47 4.72 -3.98
C VAL A 26 -19.69 3.22 -3.91
N PRO A 27 -20.84 2.77 -3.38
CA PRO A 27 -21.13 1.33 -3.34
C PRO A 27 -21.22 0.74 -4.74
N TRP A 28 -21.05 -0.59 -4.80
CA TRP A 28 -21.32 -1.31 -6.03
C TRP A 28 -22.81 -1.22 -6.38
N PRO A 29 -23.16 -1.20 -7.68
CA PRO A 29 -24.58 -1.35 -8.05
C PRO A 29 -25.12 -2.67 -7.53
N GLU A 30 -26.43 -2.68 -7.24
CA GLU A 30 -27.02 -3.86 -6.63
C GLU A 30 -26.84 -5.11 -7.49
N SER A 31 -26.89 -4.97 -8.82
CA SER A 31 -26.76 -6.15 -9.67
C SER A 31 -25.40 -6.82 -9.51
N PHE A 32 -24.34 -6.03 -9.27
CA PHE A 32 -22.99 -6.57 -9.05
C PHE A 32 -22.86 -7.18 -7.68
N ALA A 33 -23.36 -6.48 -6.63
CA ALA A 33 -23.38 -7.04 -5.28
C ALA A 33 -24.05 -8.42 -5.26
N ARG A 34 -25.18 -8.56 -5.95
CA ARG A 34 -25.87 -9.85 -5.97
C ARG A 34 -25.02 -10.93 -6.62
N ARG A 35 -24.37 -10.62 -7.75
CA ARG A 35 -23.52 -11.60 -8.40
C ARG A 35 -22.38 -12.03 -7.50
N TYR A 36 -21.74 -11.07 -6.83
CA TYR A 36 -20.56 -11.36 -6.02
C TYR A 36 -20.90 -12.16 -4.77
N ARG A 37 -22.08 -11.92 -4.19
CA ARG A 37 -22.54 -12.75 -3.10
C ARG A 37 -22.91 -14.15 -3.59
N ALA A 38 -23.67 -14.22 -4.68
CA ALA A 38 -24.05 -15.51 -5.25
C ALA A 38 -22.84 -16.33 -5.65
N ALA A 39 -21.75 -15.68 -6.06
CA ALA A 39 -20.54 -16.37 -6.45
C ALA A 39 -19.72 -16.86 -5.26
N GLY A 40 -20.06 -16.48 -4.03
CA GLY A 40 -19.28 -16.84 -2.87
C GLY A 40 -18.11 -15.92 -2.59
N TYR A 41 -17.92 -14.88 -3.39
CA TYR A 41 -16.85 -13.91 -3.15
C TYR A 41 -17.10 -13.12 -1.88
N TRP A 42 -18.31 -12.59 -1.73
CA TRP A 42 -18.69 -11.76 -0.59
C TRP A 42 -19.44 -12.65 0.39
N GLU A 43 -18.77 -13.07 1.45
CA GLU A 43 -19.33 -14.08 2.35
C GLU A 43 -20.13 -13.47 3.50
N GLY A 44 -20.13 -12.15 3.66
CA GLY A 44 -20.94 -11.52 4.66
C GLY A 44 -20.36 -11.56 6.06
N ARG A 45 -19.03 -11.57 6.18
CA ARG A 45 -18.38 -11.64 7.45
C ARG A 45 -17.52 -10.40 7.67
N PRO A 46 -17.58 -9.77 8.85
CA PRO A 46 -16.65 -8.69 9.15
C PRO A 46 -15.21 -9.15 9.06
N LEU A 47 -14.33 -8.21 8.72
CA LEU A 47 -12.91 -8.52 8.51
C LEU A 47 -12.27 -9.10 9.76
N ASP A 48 -12.63 -8.59 10.94
CA ASP A 48 -12.03 -9.08 12.18
C ASP A 48 -12.41 -10.52 12.48
N ARG A 49 -13.44 -11.05 11.82
CA ARG A 49 -13.85 -12.41 12.10
C ARG A 49 -12.83 -13.43 11.60
N LEU A 50 -11.91 -13.05 10.70
CA LEU A 50 -10.86 -13.99 10.30
C LEU A 50 -9.99 -14.37 11.50
N LEU A 51 -9.73 -13.43 12.41
CA LEU A 51 -8.98 -13.72 13.62
C LEU A 51 -9.83 -14.48 14.64
N ARG A 52 -11.08 -14.04 14.84
CA ARG A 52 -12.00 -14.72 15.75
C ARG A 52 -12.15 -16.21 15.40
N GLU A 53 -12.41 -16.54 14.12
CA GLU A 53 -12.65 -17.93 13.72
C GLU A 53 -11.38 -18.78 13.80
N ARG A 54 -10.22 -18.21 13.46
CA ARG A 54 -8.98 -18.98 13.56
C ARG A 54 -8.60 -19.23 15.01
N ALA A 55 -8.74 -18.22 15.87
CA ALA A 55 -8.47 -18.40 17.30
C ALA A 55 -9.43 -19.40 17.93
N ALA A 56 -10.64 -19.53 17.39
CA ALA A 56 -11.57 -20.53 17.90
C ALA A 56 -11.18 -21.94 17.46
N ALA A 57 -10.62 -22.08 16.26
CA ALA A 57 -10.26 -23.40 15.76
C ALA A 57 -8.86 -23.83 16.17
N ASP A 58 -7.95 -22.87 16.35
CA ASP A 58 -6.53 -23.15 16.61
C ASP A 58 -6.00 -22.19 17.67
N PRO A 59 -6.59 -22.21 18.88
CA PRO A 59 -6.24 -21.17 19.87
C PRO A 59 -4.78 -21.15 20.27
N ASP A 60 -4.12 -22.30 20.27
CA ASP A 60 -2.77 -22.44 20.79
C ASP A 60 -1.69 -22.42 19.72
N ARG A 61 -2.05 -22.28 18.44
CA ARG A 61 -1.04 -22.06 17.42
C ARG A 61 -0.42 -20.69 17.57
N ILE A 62 0.85 -20.59 17.18
CA ILE A 62 1.58 -19.32 17.22
C ILE A 62 1.13 -18.47 16.03
N ALA A 63 0.50 -17.34 16.34
CA ALA A 63 0.00 -16.44 15.31
C ALA A 63 1.03 -15.40 14.89
N LEU A 64 1.84 -14.92 15.84
CA LEU A 64 2.62 -13.72 15.58
C LEU A 64 3.93 -13.79 16.33
N VAL A 65 5.02 -13.44 15.65
CA VAL A 65 6.36 -13.36 16.22
C VAL A 65 6.93 -12.00 15.84
N ASP A 66 7.51 -11.30 16.80
CA ASP A 66 8.09 -10.01 16.50
C ASP A 66 9.61 -10.16 16.30
N ALA A 67 10.25 -9.05 15.91
CA ALA A 67 11.66 -9.10 15.57
C ALA A 67 12.52 -9.55 16.75
N ALA A 68 12.11 -9.20 17.98
CA ALA A 68 12.88 -9.57 19.17
C ALA A 68 12.81 -11.06 19.48
N GLY A 69 11.79 -11.76 18.98
CA GLY A 69 11.58 -13.16 19.30
C GLY A 69 10.39 -13.42 20.19
N ASP A 70 9.69 -12.38 20.66
CA ASP A 70 8.45 -12.59 21.38
C ASP A 70 7.38 -13.15 20.44
N ARG A 71 6.38 -13.79 21.04
CA ARG A 71 5.56 -14.79 20.37
C ARG A 71 4.17 -14.77 20.98
N TRP A 72 3.13 -14.83 20.15
CA TRP A 72 1.76 -14.81 20.62
C TRP A 72 0.94 -15.88 19.92
N THR A 73 0.12 -16.59 20.68
CA THR A 73 -0.82 -17.55 20.11
C THR A 73 -2.05 -16.82 19.55
N TYR A 74 -2.85 -17.57 18.78
CA TYR A 74 -4.11 -17.02 18.26
C TYR A 74 -5.04 -16.59 19.38
N ALA A 75 -5.19 -17.43 20.42
CA ALA A 75 -6.02 -17.07 21.57
C ALA A 75 -5.52 -15.80 22.24
N GLU A 76 -4.19 -15.67 22.39
CA GLU A 76 -3.64 -14.49 23.04
C GLU A 76 -3.89 -13.22 22.22
N LEU A 77 -3.68 -13.32 20.90
CA LEU A 77 -3.92 -12.17 20.02
C LEU A 77 -5.41 -11.77 20.00
N ASP A 78 -6.30 -12.76 19.92
CA ASP A 78 -7.74 -12.49 19.89
C ASP A 78 -8.22 -11.80 21.17
N ARG A 79 -7.71 -12.25 22.32
CA ARG A 79 -8.09 -11.69 23.62
C ARG A 79 -7.57 -10.26 23.78
N HIS A 80 -6.32 -10.02 23.36
CA HIS A 80 -5.75 -8.69 23.49
C HIS A 80 -6.49 -7.70 22.59
N ALA A 81 -6.88 -8.14 21.38
CA ALA A 81 -7.70 -7.32 20.50
C ALA A 81 -9.02 -6.95 21.15
N ASP A 82 -9.65 -7.89 21.87
CA ASP A 82 -10.88 -7.57 22.59
C ASP A 82 -10.64 -6.56 23.71
N ARG A 83 -9.54 -6.72 24.46
CA ARG A 83 -9.28 -5.82 25.58
C ARG A 83 -8.97 -4.41 25.10
N GLN A 84 -8.23 -4.31 23.98
CA GLN A 84 -7.92 -2.98 23.45
C GLN A 84 -9.14 -2.34 22.79
N ALA A 85 -9.99 -3.14 22.14
CA ALA A 85 -11.26 -2.64 21.61
C ALA A 85 -12.12 -2.05 22.72
N ALA A 86 -12.22 -2.75 23.86
CA ALA A 86 -12.94 -2.19 25.00
C ALA A 86 -12.26 -0.93 25.52
N GLY A 87 -10.94 -0.86 25.43
CA GLY A 87 -10.24 0.35 25.88
C GLY A 87 -10.46 1.52 24.95
N LEU A 88 -10.48 1.26 23.63
CA LEU A 88 -10.83 2.29 22.67
C LEU A 88 -12.22 2.85 22.91
N ARG A 89 -13.18 1.98 23.23
CA ARG A 89 -14.55 2.45 23.47
C ARG A 89 -14.61 3.36 24.70
N ARG A 90 -13.84 3.03 25.75
CA ARG A 90 -13.79 3.90 26.92
C ARG A 90 -13.32 5.30 26.56
N LEU A 91 -12.47 5.44 25.54
CA LEU A 91 -12.01 6.74 25.06
C LEU A 91 -12.97 7.40 24.08
N GLY A 92 -14.07 6.74 23.69
CA GLY A 92 -14.97 7.32 22.72
C GLY A 92 -14.62 7.04 21.27
N ILE A 93 -13.67 6.15 21.01
CA ILE A 93 -13.31 5.77 19.65
C ILE A 93 -14.11 4.52 19.29
N GLY A 94 -14.91 4.60 18.22
CA GLY A 94 -15.72 3.46 17.86
C GLY A 94 -16.72 3.83 16.79
N ALA A 95 -17.72 2.96 16.62
CA ALA A 95 -18.82 3.05 15.68
C ALA A 95 -18.65 4.09 14.57
N GLY A 96 -17.79 3.77 13.58
CA GLY A 96 -17.66 4.60 12.39
C GLY A 96 -16.56 5.65 12.42
N ASP A 97 -15.96 5.90 13.58
CA ASP A 97 -14.91 6.90 13.67
C ASP A 97 -13.69 6.50 12.82
N ARG A 98 -13.12 7.46 12.13
CA ARG A 98 -11.91 7.21 11.37
C ARG A 98 -10.67 7.53 12.20
N VAL A 99 -9.69 6.65 12.13
CA VAL A 99 -8.53 6.65 13.02
C VAL A 99 -7.28 6.49 12.16
N VAL A 100 -6.43 7.51 12.12
CA VAL A 100 -5.20 7.46 11.34
C VAL A 100 -4.17 6.63 12.10
N VAL A 101 -3.65 5.57 11.46
CA VAL A 101 -2.69 4.66 12.06
C VAL A 101 -1.35 4.81 11.35
N GLN A 102 -0.30 5.08 12.11
CA GLN A 102 1.05 5.21 11.55
C GLN A 102 2.02 4.46 12.47
N LEU A 103 2.25 3.19 12.18
CA LEU A 103 3.00 2.35 13.11
C LEU A 103 4.04 1.50 12.40
N PRO A 104 5.12 1.14 13.08
CA PRO A 104 6.12 0.26 12.49
C PRO A 104 5.66 -1.20 12.52
N ASN A 105 6.53 -2.08 12.01
CA ASN A 105 6.28 -3.52 11.96
C ASN A 105 6.53 -4.11 13.36
N THR A 106 5.58 -3.86 14.26
CA THR A 106 5.63 -4.42 15.61
C THR A 106 4.27 -5.03 15.93
N ASP A 107 4.21 -5.77 17.03
CA ASP A 107 2.96 -6.42 17.40
C ASP A 107 1.87 -5.41 17.73
N ALA A 108 2.25 -4.19 18.13
CA ALA A 108 1.26 -3.17 18.47
C ALA A 108 0.33 -2.90 17.30
N PHE A 109 0.85 -2.88 16.07
CA PHE A 109 0.01 -2.66 14.90
C PHE A 109 -1.00 -3.78 14.73
N VAL A 110 -0.58 -5.04 14.88
CA VAL A 110 -1.49 -6.15 14.62
C VAL A 110 -2.63 -6.15 15.63
N VAL A 111 -2.31 -6.00 16.92
CA VAL A 111 -3.35 -5.95 17.96
C VAL A 111 -4.31 -4.80 17.69
N LEU A 112 -3.76 -3.60 17.44
CA LEU A 112 -4.63 -2.42 17.33
C LEU A 112 -5.49 -2.49 16.07
N PHE A 113 -4.97 -3.04 14.97
CA PHE A 113 -5.76 -3.19 13.75
C PHE A 113 -7.06 -3.93 14.04
N PHE A 114 -6.97 -5.06 14.74
CA PHE A 114 -8.18 -5.81 15.04
C PHE A 114 -9.01 -5.14 16.12
N ALA A 115 -8.37 -4.44 17.06
CA ALA A 115 -9.11 -3.75 18.11
C ALA A 115 -9.95 -2.61 17.53
N LEU A 116 -9.38 -1.86 16.59
CA LEU A 116 -10.13 -0.81 15.90
C LEU A 116 -11.32 -1.38 15.14
N LEU A 117 -11.11 -2.48 14.40
CA LEU A 117 -12.22 -3.11 13.68
C LEU A 117 -13.32 -3.55 14.63
N ARG A 118 -12.95 -4.19 15.74
CA ARG A 118 -13.96 -4.67 16.66
C ARG A 118 -14.66 -3.53 17.38
N ALA A 119 -13.96 -2.42 17.62
CA ALA A 119 -14.61 -1.24 18.17
C ALA A 119 -15.51 -0.55 17.16
N GLY A 120 -15.49 -0.95 15.89
CA GLY A 120 -16.27 -0.27 14.86
C GLY A 120 -15.58 0.91 14.23
N ALA A 121 -14.36 1.22 14.64
CA ALA A 121 -13.60 2.28 14.02
C ALA A 121 -13.09 1.86 12.65
N VAL A 122 -12.83 2.85 11.81
CA VAL A 122 -12.36 2.61 10.44
C VAL A 122 -10.89 2.98 10.41
N PRO A 123 -9.96 2.03 10.38
CA PRO A 123 -8.53 2.39 10.27
C PRO A 123 -8.23 3.12 8.97
N VAL A 124 -7.48 4.21 9.08
CA VAL A 124 -6.92 4.97 7.95
C VAL A 124 -5.42 4.71 7.96
N LEU A 125 -4.94 3.83 7.08
CA LEU A 125 -3.58 3.28 7.18
C LEU A 125 -2.56 4.16 6.46
N THR A 126 -1.59 4.69 7.20
CA THR A 126 -0.50 5.45 6.60
C THR A 126 0.82 4.74 6.86
N LEU A 127 1.86 5.22 6.18
CA LEU A 127 3.18 4.63 6.29
C LEU A 127 4.04 5.40 7.27
N PRO A 128 4.96 4.71 7.95
CA PRO A 128 5.90 5.41 8.85
C PRO A 128 6.63 6.57 8.20
N ALA A 129 6.89 6.52 6.88
CA ALA A 129 7.63 7.57 6.19
C ALA A 129 6.79 8.82 5.94
N HIS A 130 5.47 8.75 6.09
CA HIS A 130 4.63 9.90 5.80
C HIS A 130 4.82 11.00 6.84
N ARG A 131 4.74 12.26 6.37
CA ARG A 131 5.00 13.39 7.23
C ARG A 131 3.81 14.33 7.25
N GLU A 132 4.01 15.60 7.66
CA GLU A 132 2.85 16.44 8.02
C GLU A 132 1.89 16.64 6.85
N SER A 133 2.42 16.86 5.64
CA SER A 133 1.49 17.17 4.56
C SER A 133 0.59 15.97 4.24
N GLU A 134 1.12 14.74 4.25
CA GLU A 134 0.26 13.59 3.98
C GLU A 134 -0.67 13.33 5.15
N ILE A 135 -0.15 13.40 6.38
CA ILE A 135 -0.95 13.07 7.56
C ILE A 135 -2.10 14.07 7.73
N VAL A 136 -1.79 15.37 7.60
CA VAL A 136 -2.84 16.37 7.75
C VAL A 136 -3.90 16.18 6.67
N HIS A 137 -3.47 15.93 5.42
CA HIS A 137 -4.46 15.78 4.35
C HIS A 137 -5.37 14.58 4.60
N VAL A 138 -4.80 13.42 4.92
CA VAL A 138 -5.67 12.26 5.11
C VAL A 138 -6.51 12.41 6.38
N ALA A 139 -5.95 13.05 7.42
CA ALA A 139 -6.71 13.25 8.65
C ALA A 139 -7.89 14.17 8.42
N GLU A 140 -7.69 15.27 7.69
CA GLU A 140 -8.81 16.16 7.50
C GLU A 140 -9.78 15.63 6.45
N THR A 141 -9.30 14.95 5.40
CA THR A 141 -10.20 14.32 4.43
C THR A 141 -11.10 13.30 5.11
N ALA A 142 -10.54 12.45 5.95
CA ALA A 142 -11.30 11.44 6.68
C ALA A 142 -12.07 11.99 7.87
N GLY A 143 -11.82 13.24 8.28
CA GLY A 143 -12.37 13.73 9.54
C GLY A 143 -11.99 12.86 10.72
N ALA A 144 -10.73 12.46 10.78
CA ALA A 144 -10.27 11.48 11.76
C ALA A 144 -10.37 12.04 13.18
N THR A 145 -10.74 11.19 14.12
CA THR A 145 -10.86 11.63 15.51
C THR A 145 -9.70 11.19 16.37
N ALA A 146 -8.83 10.33 15.84
CA ALA A 146 -7.69 9.84 16.60
C ALA A 146 -6.55 9.55 15.64
N TYR A 147 -5.36 9.50 16.20
CA TYR A 147 -4.12 9.35 15.45
C TYR A 147 -3.20 8.51 16.31
N VAL A 148 -2.70 7.41 15.74
CA VAL A 148 -1.86 6.45 16.45
C VAL A 148 -0.47 6.50 15.85
N ILE A 149 0.55 6.71 16.70
CA ILE A 149 1.92 6.95 16.27
C ILE A 149 2.89 6.15 17.15
N PRO A 150 4.13 5.96 16.68
CA PRO A 150 5.21 5.59 17.60
C PRO A 150 5.71 6.86 18.31
N ASP A 151 6.59 6.69 19.28
CA ASP A 151 7.23 7.89 19.82
C ASP A 151 8.33 8.35 18.87
N VAL A 152 9.44 7.62 18.83
CA VAL A 152 10.56 7.92 17.95
C VAL A 152 10.79 6.69 17.06
N LEU A 153 10.85 6.92 15.76
CA LEU A 153 11.04 5.84 14.78
C LEU A 153 11.99 6.32 13.71
N ASP A 154 13.12 5.62 13.58
CA ASP A 154 14.16 5.95 12.61
C ASP A 154 14.63 7.40 12.76
N GLY A 155 14.83 7.83 14.00
CA GLY A 155 15.34 9.15 14.26
C GLY A 155 14.32 10.27 14.26
N PHE A 156 13.09 10.01 13.83
CA PHE A 156 12.05 11.03 13.74
C PHE A 156 11.10 10.89 14.93
N ASP A 157 10.78 12.03 15.56
CA ASP A 157 9.84 12.07 16.68
C ASP A 157 8.46 12.33 16.10
N HIS A 158 7.63 11.29 16.05
CA HIS A 158 6.26 11.42 15.53
C HIS A 158 5.33 12.19 16.47
N ARG A 159 5.72 12.41 17.73
CA ARG A 159 4.87 13.17 18.64
C ARG A 159 4.84 14.64 18.26
N ALA A 160 5.94 15.16 17.73
CA ALA A 160 5.92 16.51 17.18
C ALA A 160 4.96 16.58 15.99
N LEU A 161 4.95 15.52 15.17
CA LEU A 161 4.04 15.46 14.03
C LEU A 161 2.59 15.40 14.48
N ALA A 162 2.31 14.66 15.56
CA ALA A 162 0.96 14.61 16.10
C ALA A 162 0.53 15.97 16.63
N ARG A 163 1.45 16.70 17.26
CA ARG A 163 1.16 18.08 17.67
C ARG A 163 0.84 18.95 16.46
N ALA A 164 1.62 18.82 15.38
CA ALA A 164 1.35 19.61 14.19
C ALA A 164 0.02 19.19 13.55
N ALA A 165 -0.27 17.88 13.56
CA ALA A 165 -1.51 17.38 12.98
C ALA A 165 -2.71 17.89 13.77
N ARG A 166 -2.66 17.82 15.10
CA ARG A 166 -3.76 18.31 15.92
C ARG A 166 -3.98 19.81 15.76
N LYS A 167 -2.90 20.56 15.55
CA LYS A 167 -3.03 21.99 15.30
C LYS A 167 -3.80 22.27 14.01
N ALA A 168 -3.54 21.48 12.96
CA ALA A 168 -4.17 21.71 11.67
C ALA A 168 -5.52 21.02 11.53
N VAL A 169 -5.78 19.99 12.33
CA VAL A 169 -7.00 19.19 12.19
C VAL A 169 -7.69 19.10 13.53
N PRO A 170 -8.66 19.97 13.80
CA PRO A 170 -9.30 19.98 15.13
C PRO A 170 -10.11 18.73 15.45
N SER A 171 -10.52 17.93 14.46
CA SER A 171 -11.27 16.73 14.79
C SER A 171 -10.45 15.71 15.58
N ILE A 172 -9.12 15.77 15.55
CA ILE A 172 -8.28 14.80 16.26
C ILE A 172 -8.38 15.07 17.76
N GLU A 173 -9.11 14.21 18.48
CA GLU A 173 -9.26 14.30 19.92
C GLU A 173 -8.20 13.53 20.69
N HIS A 174 -7.79 12.36 20.19
CA HIS A 174 -6.90 11.47 20.91
C HIS A 174 -5.68 11.12 20.07
N VAL A 175 -4.51 11.13 20.70
CA VAL A 175 -3.27 10.64 20.12
C VAL A 175 -2.81 9.48 20.99
N LEU A 176 -2.69 8.31 20.38
CA LEU A 176 -2.25 7.09 21.05
C LEU A 176 -0.83 6.79 20.62
N VAL A 177 0.07 6.61 21.57
CA VAL A 177 1.50 6.53 21.30
C VAL A 177 2.00 5.14 21.69
N ALA A 178 2.65 4.47 20.73
CA ALA A 178 3.38 3.22 20.98
C ALA A 178 4.79 3.57 21.47
N GLY A 179 4.90 3.86 22.75
CA GLY A 179 6.15 4.28 23.36
C GLY A 179 5.88 5.21 24.52
N GLU A 180 6.82 6.12 24.76
CA GLU A 180 6.61 7.19 25.73
C GLU A 180 5.62 8.19 25.17
N ALA A 181 4.45 8.31 25.81
CA ALA A 181 3.32 9.03 25.24
C ALA A 181 3.34 10.53 25.46
N ALA A 182 4.27 11.06 26.27
CA ALA A 182 4.39 12.50 26.56
C ALA A 182 3.06 12.99 27.14
N GLU A 183 2.44 14.04 26.59
CA GLU A 183 1.15 14.51 27.08
C GLU A 183 -0.03 13.72 26.51
N PHE A 184 0.23 12.73 25.67
CA PHE A 184 -0.81 12.01 24.94
C PHE A 184 -1.14 10.73 25.69
N THR A 185 -1.72 9.74 25.01
CA THR A 185 -2.18 8.49 25.62
C THR A 185 -1.26 7.36 25.19
N ALA A 186 -0.77 6.58 26.16
CA ALA A 186 0.02 5.39 25.83
C ALA A 186 -0.88 4.31 25.22
N LEU A 187 -0.48 3.79 24.04
CA LEU A 187 -1.25 2.74 23.39
C LEU A 187 -1.39 1.50 24.28
N ALA A 188 -0.40 1.20 25.11
CA ALA A 188 -0.49 0.05 26.00
C ALA A 188 -1.52 0.25 27.11
N ASP A 189 -1.85 1.50 27.44
CA ASP A 189 -2.87 1.83 28.44
C ASP A 189 -4.29 1.75 27.90
N VAL A 190 -4.47 1.66 26.58
CA VAL A 190 -5.78 1.46 25.99
C VAL A 190 -6.16 -0.01 26.15
N ASP A 191 -6.81 -0.31 27.26
CA ASP A 191 -7.01 -1.68 27.71
C ASP A 191 -8.12 -1.68 28.75
N ALA A 192 -9.14 -2.52 28.52
CA ALA A 192 -10.23 -2.67 29.49
C ALA A 192 -10.80 -4.08 29.35
N ALA A 193 -11.64 -4.43 30.31
CA ALA A 193 -12.23 -5.76 30.33
C ALA A 193 -13.17 -5.91 29.14
N PRO A 194 -13.10 -7.01 28.39
CA PRO A 194 -13.84 -7.09 27.13
C PRO A 194 -15.34 -6.94 27.36
N VAL A 195 -15.97 -6.22 26.45
CA VAL A 195 -17.40 -5.94 26.53
C VAL A 195 -18.02 -6.46 25.23
N PRO A 196 -19.29 -6.84 25.22
CA PRO A 196 -19.95 -7.24 23.96
C PRO A 196 -20.09 -6.06 23.03
N LEU A 197 -19.53 -6.19 21.82
CA LEU A 197 -19.56 -5.13 20.82
C LEU A 197 -20.31 -5.63 19.60
N ALA A 198 -21.14 -4.75 19.03
CA ALA A 198 -21.90 -5.13 17.85
C ALA A 198 -20.99 -5.27 16.64
N GLU A 199 -21.39 -6.05 15.75
CA GLU A 199 -20.62 -6.33 14.55
C GLU A 199 -21.00 -5.35 13.45
N PRO A 200 -20.06 -4.95 12.58
CA PRO A 200 -20.41 -4.06 11.48
C PRO A 200 -21.10 -4.81 10.34
N ASP A 201 -21.81 -4.04 9.52
CA ASP A 201 -22.35 -4.59 8.29
C ASP A 201 -21.21 -4.94 7.34
N PRO A 202 -21.17 -6.17 6.80
CA PRO A 202 -20.04 -6.55 5.92
C PRO A 202 -19.98 -5.74 4.63
N GLY A 203 -21.07 -5.11 4.21
CA GLY A 203 -21.04 -4.25 3.05
C GLY A 203 -20.53 -2.84 3.30
N ASP A 204 -20.27 -2.51 4.56
CA ASP A 204 -19.74 -1.19 4.90
C ASP A 204 -18.22 -1.14 4.72
N VAL A 205 -17.71 0.10 4.68
CA VAL A 205 -16.27 0.32 4.61
C VAL A 205 -15.62 -0.24 5.87
N ALA A 206 -14.57 -1.04 5.68
CA ALA A 206 -13.79 -1.62 6.77
C ALA A 206 -12.57 -0.78 7.11
N LEU A 207 -11.87 -0.29 6.09
CA LEU A 207 -10.63 0.46 6.28
C LEU A 207 -10.42 1.36 5.07
N LEU A 208 -9.58 2.36 5.25
CA LEU A 208 -9.24 3.30 4.19
C LEU A 208 -7.74 3.18 3.92
N LEU A 209 -7.38 2.90 2.67
CA LEU A 209 -6.00 2.82 2.23
C LEU A 209 -5.60 4.10 1.52
N LEU A 210 -4.30 4.41 1.56
CA LEU A 210 -3.79 5.58 0.87
C LEU A 210 -3.30 5.19 -0.52
N SER A 211 -3.80 5.89 -1.54
N SER A 211 -3.81 5.88 -1.54
CA SER A 211 -3.39 5.64 -2.91
CA SER A 211 -3.38 5.63 -2.90
C SER A 211 -2.12 6.42 -3.24
C SER A 211 -2.10 6.40 -3.21
N GLY A 212 -1.28 5.82 -4.09
CA GLY A 212 -0.08 6.51 -4.53
C GLY A 212 -0.37 7.89 -5.09
N GLY A 213 -1.43 8.02 -5.87
CA GLY A 213 -1.97 9.30 -6.25
C GLY A 213 -1.56 9.73 -7.65
N THR A 214 -2.46 10.47 -8.32
CA THR A 214 -2.13 11.18 -9.54
C THR A 214 -2.53 12.65 -9.52
N THR A 215 -3.16 13.14 -8.46
CA THR A 215 -3.60 14.53 -8.35
C THR A 215 -2.80 15.27 -7.28
N GLY A 216 -3.20 16.52 -7.02
CA GLY A 216 -2.50 17.34 -6.05
C GLY A 216 -2.58 16.83 -4.62
N LYS A 217 -3.54 15.95 -4.33
CA LYS A 217 -3.74 15.43 -2.98
C LYS A 217 -3.79 13.92 -3.01
N PRO A 218 -3.22 13.25 -1.99
CA PRO A 218 -3.43 11.79 -1.86
C PRO A 218 -4.92 11.47 -1.77
N LYS A 219 -5.33 10.36 -2.36
CA LYS A 219 -6.73 9.96 -2.35
C LYS A 219 -6.89 8.67 -1.54
N LEU A 220 -7.96 8.61 -0.75
CA LEU A 220 -8.20 7.44 0.10
C LEU A 220 -9.09 6.44 -0.62
N ILE A 221 -8.76 5.16 -0.43
CA ILE A 221 -9.44 4.04 -1.08
C ILE A 221 -10.29 3.34 -0.02
N PRO A 222 -11.62 3.33 -0.15
CA PRO A 222 -12.44 2.56 0.80
C PRO A 222 -12.46 1.09 0.41
N ARG A 223 -12.24 0.23 1.39
CA ARG A 223 -12.29 -1.22 1.18
C ARG A 223 -13.30 -1.78 2.17
N THR A 224 -14.27 -2.52 1.65
CA THR A 224 -15.35 -3.04 2.47
C THR A 224 -14.93 -4.36 3.14
N HIS A 225 -15.72 -4.76 4.16
CA HIS A 225 -15.45 -6.04 4.81
C HIS A 225 -15.54 -7.18 3.82
N ASP A 226 -16.58 -7.20 2.99
CA ASP A 226 -16.76 -8.29 2.05
C ASP A 226 -15.65 -8.32 1.01
N ASP A 227 -15.27 -7.17 0.45
CA ASP A 227 -14.32 -7.23 -0.65
C ASP A 227 -12.90 -7.44 -0.14
N TYR A 228 -12.57 -6.93 1.05
CA TYR A 228 -11.23 -7.12 1.57
C TYR A 228 -11.02 -8.54 2.07
N THR A 229 -12.04 -9.14 2.68
CA THR A 229 -11.97 -10.56 3.06
C THR A 229 -11.78 -11.45 1.85
N TYR A 230 -12.47 -11.13 0.74
CA TYR A 230 -12.30 -11.91 -0.48
C TYR A 230 -10.91 -11.74 -1.07
N ASN A 231 -10.43 -10.50 -1.14
CA ASN A 231 -9.06 -10.19 -1.51
C ASN A 231 -8.09 -11.08 -0.73
N VAL A 232 -8.24 -11.11 0.60
CA VAL A 232 -7.36 -11.90 1.46
C VAL A 232 -7.55 -13.39 1.22
N ARG A 233 -8.81 -13.86 1.22
CA ARG A 233 -9.07 -15.30 1.14
C ARG A 233 -8.66 -15.86 -0.22
N ALA A 234 -9.06 -15.20 -1.31
CA ALA A 234 -8.70 -15.65 -2.66
C ALA A 234 -7.19 -15.57 -2.87
N SER A 235 -6.53 -14.55 -2.34
CA SER A 235 -5.07 -14.47 -2.46
C SER A 235 -4.39 -15.63 -1.75
N ALA A 236 -4.83 -15.96 -0.53
CA ALA A 236 -4.24 -17.07 0.21
C ALA A 236 -4.37 -18.39 -0.54
N GLU A 237 -5.52 -18.62 -1.20
CA GLU A 237 -5.69 -19.83 -2.02
C GLU A 237 -4.69 -19.86 -3.18
N VAL A 238 -4.59 -18.76 -3.93
CA VAL A 238 -3.73 -18.72 -5.11
C VAL A 238 -2.27 -18.92 -4.71
N CYS A 239 -1.87 -18.40 -3.55
CA CYS A 239 -0.48 -18.47 -3.12
C CYS A 239 -0.18 -19.70 -2.27
N GLY A 240 -1.15 -20.57 -2.05
CA GLY A 240 -0.97 -21.77 -1.25
C GLY A 240 -0.72 -21.55 0.23
N PHE A 241 -1.20 -20.45 0.79
CA PHE A 241 -1.02 -20.19 2.20
C PHE A 241 -1.89 -21.16 3.01
N ASP A 242 -1.29 -21.79 4.02
CA ASP A 242 -2.10 -22.53 4.99
C ASP A 242 -1.36 -22.52 6.33
N SER A 243 -1.73 -23.45 7.22
CA SER A 243 -1.19 -23.40 8.57
C SER A 243 0.31 -23.70 8.60
N ASP A 244 0.87 -24.23 7.51
CA ASP A 244 2.30 -24.42 7.37
C ASP A 244 3.04 -23.15 6.96
N THR A 245 2.33 -22.09 6.59
CA THR A 245 2.98 -20.90 6.07
C THR A 245 3.56 -20.08 7.21
N VAL A 246 4.84 -19.74 7.12
CA VAL A 246 5.48 -18.77 8.01
C VAL A 246 5.80 -17.56 7.13
N TYR A 247 5.08 -16.45 7.35
CA TYR A 247 5.17 -15.29 6.47
C TYR A 247 5.96 -14.18 7.16
N LEU A 248 6.98 -13.67 6.44
CA LEU A 248 7.81 -12.58 6.94
C LEU A 248 7.31 -11.26 6.36
N VAL A 249 6.85 -10.35 7.23
CA VAL A 249 6.38 -9.03 6.81
C VAL A 249 7.60 -8.13 6.64
N VAL A 250 8.03 -7.95 5.40
CA VAL A 250 9.18 -7.12 5.07
C VAL A 250 8.78 -5.70 4.69
N LEU A 251 7.73 -5.57 3.87
CA LEU A 251 7.16 -4.27 3.59
C LEU A 251 6.39 -3.78 4.82
N PRO A 252 6.06 -2.48 4.89
CA PRO A 252 5.28 -1.98 6.02
C PRO A 252 3.97 -2.75 6.18
N THR A 253 3.58 -3.02 7.44
CA THR A 253 2.33 -3.73 7.69
C THR A 253 1.13 -3.02 7.09
N ALA A 254 1.23 -1.71 6.84
CA ALA A 254 0.14 -0.91 6.27
C ALA A 254 0.12 -0.90 4.74
N HIS A 255 1.12 -1.49 4.09
CA HIS A 255 1.15 -1.66 2.65
C HIS A 255 0.19 -2.80 2.24
N ASN A 256 -0.71 -2.52 1.29
CA ASN A 256 -1.70 -3.51 0.86
C ASN A 256 -1.07 -4.87 0.53
N PHE A 257 0.11 -4.85 -0.10
CA PHE A 257 0.82 -6.06 -0.50
C PHE A 257 1.11 -6.97 0.70
N ALA A 258 1.67 -6.38 1.77
CA ALA A 258 2.06 -7.09 2.98
C ALA A 258 0.91 -7.31 3.95
N LEU A 259 -0.17 -6.54 3.81
CA LEU A 259 -1.33 -6.69 4.68
C LEU A 259 -2.29 -7.77 4.17
N ALA A 260 -2.52 -7.81 2.85
CA ALA A 260 -3.68 -8.54 2.34
C ALA A 260 -3.46 -9.36 1.08
N CYS A 261 -2.26 -9.41 0.49
CA CYS A 261 -2.09 -10.03 -0.82
C CYS A 261 -1.08 -11.16 -0.87
N PRO A 262 -1.26 -12.21 -0.05
CA PRO A 262 -2.23 -12.44 1.02
C PRO A 262 -1.76 -11.74 2.31
N GLY A 263 -0.45 -11.51 2.41
CA GLY A 263 0.14 -10.77 3.51
C GLY A 263 -0.17 -11.36 4.88
N LEU A 264 -0.15 -10.49 5.88
CA LEU A 264 -0.34 -10.98 7.25
C LEU A 264 -1.77 -11.40 7.51
N LEU A 265 -2.76 -10.72 6.92
CA LEU A 265 -4.15 -11.12 7.14
C LEU A 265 -4.43 -12.49 6.53
N GLY A 266 -3.86 -12.78 5.35
CA GLY A 266 -3.99 -14.11 4.78
C GLY A 266 -3.37 -15.18 5.65
N THR A 267 -2.18 -14.89 6.19
CA THR A 267 -1.53 -15.84 7.09
C THR A 267 -2.37 -16.13 8.32
N LEU A 268 -2.90 -15.08 8.95
CA LEU A 268 -3.75 -15.28 10.11
C LEU A 268 -5.04 -16.00 9.75
N MET A 269 -5.61 -15.71 8.58
CA MET A 269 -6.90 -16.31 8.26
C MET A 269 -6.77 -17.83 8.18
N VAL A 270 -5.66 -18.33 7.59
CA VAL A 270 -5.46 -19.77 7.41
C VAL A 270 -4.75 -20.45 8.57
N GLY A 271 -4.29 -19.70 9.57
CA GLY A 271 -3.65 -20.29 10.73
C GLY A 271 -2.15 -20.48 10.66
N GLY A 272 -1.44 -19.71 9.81
CA GLY A 272 0.00 -19.76 9.77
C GLY A 272 0.61 -18.87 10.83
N THR A 273 1.90 -18.55 10.66
CA THR A 273 2.63 -17.69 11.59
C THR A 273 3.15 -16.45 10.87
N VAL A 274 2.84 -15.27 11.44
CA VAL A 274 3.31 -13.99 10.94
C VAL A 274 4.59 -13.61 11.69
N VAL A 275 5.65 -13.31 10.96
CA VAL A 275 6.90 -12.85 11.54
C VAL A 275 7.15 -11.43 11.09
N LEU A 276 7.41 -10.53 12.03
CA LEU A 276 7.54 -9.11 11.74
C LEU A 276 9.02 -8.74 11.57
N ALA A 277 9.39 -8.26 10.33
CA ALA A 277 10.76 -7.81 10.09
C ALA A 277 10.85 -6.31 10.30
N PRO A 278 11.86 -5.84 11.04
CA PRO A 278 11.99 -4.40 11.28
C PRO A 278 12.44 -3.62 10.06
N THR A 279 13.29 -4.20 9.22
CA THR A 279 13.75 -3.59 7.98
C THR A 279 13.85 -4.68 6.94
N PRO A 280 13.93 -4.34 5.65
CA PRO A 280 14.18 -5.34 4.61
C PRO A 280 15.64 -5.69 4.40
N SER A 281 16.55 -5.17 5.22
CA SER A 281 17.96 -5.43 4.99
C SER A 281 18.25 -6.92 5.16
N PRO A 282 19.20 -7.46 4.38
CA PRO A 282 19.63 -8.85 4.60
C PRO A 282 20.02 -9.14 6.03
N GLU A 283 20.62 -8.16 6.72
CA GLU A 283 20.93 -8.29 8.15
C GLU A 283 19.72 -8.76 8.95
N ASP A 284 18.60 -8.04 8.84
CA ASP A 284 17.43 -8.37 9.64
C ASP A 284 16.60 -9.48 9.02
N ALA A 285 16.41 -9.45 7.70
CA ALA A 285 15.51 -10.40 7.07
C ALA A 285 16.09 -11.81 7.06
N PHE A 286 17.36 -11.96 6.64
CA PHE A 286 17.97 -13.29 6.54
C PHE A 286 18.04 -13.97 7.90
N GLU A 287 18.33 -13.18 8.94
CA GLU A 287 18.36 -13.70 10.30
C GLU A 287 16.99 -14.23 10.70
N LEU A 288 15.93 -13.50 10.36
CA LEU A 288 14.58 -13.95 10.72
C LEU A 288 14.14 -15.15 9.88
N ILE A 289 14.53 -15.18 8.60
CA ILE A 289 14.19 -16.32 7.75
C ILE A 289 14.78 -17.59 8.34
N GLU A 290 16.03 -17.53 8.79
CA GLU A 290 16.66 -18.71 9.34
C GLU A 290 16.09 -19.02 10.73
N ARG A 291 15.93 -17.99 11.58
CA ARG A 291 15.52 -18.23 12.95
C ARG A 291 14.11 -18.81 13.02
N GLU A 292 13.18 -18.26 12.23
CA GLU A 292 11.78 -18.65 12.33
C GLU A 292 11.35 -19.63 11.24
N LYS A 293 12.26 -20.02 10.35
CA LYS A 293 11.94 -20.90 9.22
C LYS A 293 10.83 -20.31 8.35
N VAL A 294 11.03 -19.05 7.95
CA VAL A 294 10.09 -18.37 7.07
C VAL A 294 9.94 -19.15 5.76
N THR A 295 8.69 -19.30 5.31
CA THR A 295 8.41 -19.98 4.06
C THR A 295 7.95 -19.06 2.94
N ALA A 296 7.50 -17.84 3.26
CA ALA A 296 6.96 -16.93 2.26
C ALA A 296 7.23 -15.50 2.67
N THR A 297 7.46 -14.63 1.68
CA THR A 297 7.56 -13.20 1.94
C THR A 297 7.29 -12.44 0.64
N ALA A 298 7.11 -11.12 0.76
CA ALA A 298 6.83 -10.24 -0.37
C ALA A 298 7.74 -9.02 -0.32
N VAL A 299 8.34 -8.66 -1.47
CA VAL A 299 9.30 -7.56 -1.57
C VAL A 299 9.02 -6.76 -2.85
N VAL A 300 9.56 -5.54 -2.88
CA VAL A 300 9.58 -4.74 -4.11
C VAL A 300 10.86 -5.12 -4.88
N PRO A 301 10.93 -4.87 -6.18
CA PRO A 301 12.10 -5.34 -6.99
C PRO A 301 13.45 -4.83 -6.48
N PRO A 302 13.58 -3.56 -6.05
CA PRO A 302 14.88 -3.16 -5.50
C PRO A 302 15.36 -4.01 -4.34
N VAL A 303 14.45 -4.51 -3.49
CA VAL A 303 14.87 -5.38 -2.40
C VAL A 303 15.18 -6.79 -2.92
N ALA A 304 14.43 -7.27 -3.93
CA ALA A 304 14.76 -8.55 -4.55
C ALA A 304 16.18 -8.53 -5.09
N LEU A 305 16.56 -7.46 -5.78
CA LEU A 305 17.93 -7.34 -6.30
C LEU A 305 18.95 -7.35 -5.18
N LEU A 306 18.67 -6.65 -4.07
CA LEU A 306 19.57 -6.64 -2.93
C LEU A 306 19.76 -8.05 -2.35
N TRP A 307 18.67 -8.80 -2.16
CA TRP A 307 18.76 -10.15 -1.61
C TRP A 307 19.49 -11.09 -2.56
N LEU A 308 19.18 -11.01 -3.85
CA LEU A 308 19.87 -11.83 -4.84
C LEU A 308 21.37 -11.58 -4.84
N ASP A 309 21.79 -10.33 -4.60
CA ASP A 309 23.22 -10.05 -4.45
C ASP A 309 23.75 -10.63 -3.14
N ALA A 310 22.99 -10.41 -2.05
CA ALA A 310 23.53 -10.57 -0.70
C ALA A 310 23.77 -12.02 -0.33
N VAL A 311 23.04 -12.98 -0.94
CA VAL A 311 23.30 -14.37 -0.66
C VAL A 311 24.69 -14.81 -1.08
N GLU A 312 25.37 -14.00 -1.88
CA GLU A 312 26.73 -14.33 -2.27
C GLU A 312 27.76 -14.02 -1.20
N TRP A 313 27.40 -13.27 -0.15
CA TRP A 313 28.30 -13.05 0.97
C TRP A 313 27.66 -13.24 2.34
N GLU A 314 26.37 -13.54 2.42
CA GLU A 314 25.70 -13.82 3.69
C GLU A 314 25.60 -15.32 3.90
N ASP A 315 25.76 -15.73 5.16
CA ASP A 315 25.83 -17.14 5.53
C ASP A 315 24.50 -17.70 6.04
N ALA A 316 23.44 -16.90 6.07
CA ALA A 316 22.18 -17.37 6.64
C ALA A 316 21.66 -18.57 5.88
N ASP A 317 21.06 -19.52 6.59
CA ASP A 317 20.36 -20.64 5.97
C ASP A 317 18.96 -20.17 5.58
N LEU A 318 18.74 -19.97 4.29
CA LEU A 318 17.45 -19.51 3.79
C LEU A 318 16.62 -20.64 3.18
N SER A 319 17.03 -21.89 3.38
CA SER A 319 16.42 -23.03 2.68
C SER A 319 14.93 -23.18 2.95
N SER A 320 14.42 -22.73 4.09
CA SER A 320 13.01 -22.87 4.40
C SER A 320 12.13 -22.02 3.49
N LEU A 321 12.67 -20.99 2.86
CA LEU A 321 11.90 -20.13 1.96
C LEU A 321 11.37 -20.92 0.76
N ARG A 322 10.06 -20.87 0.54
CA ARG A 322 9.42 -21.53 -0.59
C ARG A 322 8.83 -20.57 -1.62
N LEU A 323 8.46 -19.37 -1.22
CA LEU A 323 7.75 -18.43 -2.08
C LEU A 323 8.30 -17.03 -1.86
N LEU A 324 8.75 -16.39 -2.93
CA LEU A 324 9.11 -14.97 -2.90
C LEU A 324 8.18 -14.24 -3.85
N GLN A 325 7.29 -13.42 -3.29
CA GLN A 325 6.47 -12.51 -4.10
C GLN A 325 7.24 -11.23 -4.37
N VAL A 326 7.23 -10.80 -5.63
CA VAL A 326 7.88 -9.56 -6.04
C VAL A 326 6.90 -8.72 -6.84
N GLY A 327 6.65 -7.50 -6.37
CA GLY A 327 5.71 -6.63 -7.04
C GLY A 327 5.88 -5.19 -6.59
N GLY A 328 5.02 -4.33 -7.11
CA GLY A 328 5.14 -2.90 -6.83
C GLY A 328 5.75 -2.16 -8.00
N SER A 329 6.69 -2.80 -8.68
CA SER A 329 7.16 -2.37 -9.98
C SER A 329 7.61 -3.63 -10.73
N LYS A 330 7.98 -3.48 -11.99
CA LYS A 330 8.20 -4.66 -12.82
C LYS A 330 9.59 -5.21 -12.54
N LEU A 331 9.64 -6.49 -12.15
CA LEU A 331 10.91 -7.20 -12.00
C LEU A 331 11.43 -7.65 -13.35
N GLY A 332 12.70 -7.37 -13.62
CA GLY A 332 13.29 -7.76 -14.89
C GLY A 332 13.33 -9.26 -15.08
N ALA A 333 13.26 -9.68 -16.34
CA ALA A 333 13.28 -11.11 -16.65
C ALA A 333 14.62 -11.73 -16.27
N GLU A 334 15.71 -10.95 -16.32
CA GLU A 334 17.01 -11.50 -15.95
C GLU A 334 17.10 -11.80 -14.44
N PRO A 335 16.86 -10.84 -13.53
CA PRO A 335 16.85 -11.21 -12.11
C PRO A 335 15.73 -12.18 -11.75
N ALA A 336 14.59 -12.14 -12.46
CA ALA A 336 13.53 -13.10 -12.19
C ALA A 336 14.03 -14.53 -12.33
N ALA A 337 14.85 -14.79 -13.35
CA ALA A 337 15.39 -16.12 -13.59
C ALA A 337 16.45 -16.52 -12.55
N ARG A 338 17.01 -15.56 -11.81
CA ARG A 338 17.99 -15.87 -10.78
C ARG A 338 17.35 -16.28 -9.45
N VAL A 339 16.03 -16.13 -9.28
CA VAL A 339 15.43 -16.34 -7.95
C VAL A 339 15.60 -17.79 -7.51
N ARG A 340 15.28 -18.75 -8.39
CA ARG A 340 15.43 -20.15 -8.01
C ARG A 340 16.88 -20.55 -7.75
N PRO A 341 17.85 -20.30 -8.64
CA PRO A 341 19.23 -20.72 -8.31
C PRO A 341 19.79 -20.00 -7.10
N ALA A 342 19.50 -18.71 -6.95
CA ALA A 342 20.14 -17.92 -5.90
C ALA A 342 19.44 -18.07 -4.56
N LEU A 343 18.11 -17.99 -4.54
CA LEU A 343 17.36 -17.99 -3.30
C LEU A 343 16.64 -19.31 -2.99
N GLY A 344 16.63 -20.27 -3.91
CA GLY A 344 16.10 -21.59 -3.62
C GLY A 344 14.60 -21.66 -3.44
N CYS A 345 13.85 -20.78 -4.08
CA CYS A 345 12.41 -20.70 -3.86
C CYS A 345 11.73 -20.36 -5.17
N THR A 346 10.40 -20.43 -5.14
CA THR A 346 9.57 -20.07 -6.28
C THR A 346 9.33 -18.57 -6.32
N LEU A 347 9.54 -17.97 -7.49
CA LEU A 347 9.16 -16.58 -7.71
C LEU A 347 7.67 -16.49 -8.05
N GLN A 348 7.00 -15.51 -7.45
CA GLN A 348 5.66 -15.11 -7.89
C GLN A 348 5.67 -13.63 -8.22
N GLN A 349 5.40 -13.29 -9.47
CA GLN A 349 5.26 -11.89 -9.83
C GLN A 349 3.85 -11.41 -9.52
N VAL A 350 3.76 -10.24 -8.89
CA VAL A 350 2.49 -9.69 -8.42
C VAL A 350 2.35 -8.29 -8.97
N PHE A 351 1.34 -8.06 -9.78
CA PHE A 351 1.04 -6.72 -10.31
C PHE A 351 -0.32 -6.37 -9.72
N GLY A 352 -0.30 -5.55 -8.68
CA GLY A 352 -1.50 -5.22 -7.93
C GLY A 352 -1.55 -3.74 -7.60
N MET A 353 -2.57 -3.38 -6.84
CA MET A 353 -2.85 -1.97 -6.55
C MET A 353 -3.81 -1.92 -5.37
N ALA A 354 -3.60 -0.92 -4.50
CA ALA A 354 -4.48 -0.72 -3.35
C ALA A 354 -5.93 -0.53 -3.78
N GLU A 355 -6.15 -0.01 -5.00
CA GLU A 355 -7.49 0.23 -5.52
C GLU A 355 -8.27 -1.06 -5.77
N GLY A 356 -7.59 -2.20 -5.86
CA GLY A 356 -8.26 -3.47 -6.10
C GLY A 356 -7.45 -4.48 -6.89
N LEU A 357 -7.73 -4.60 -8.20
CA LEU A 357 -7.22 -5.67 -9.06
C LEU A 357 -5.83 -6.21 -8.71
N LEU A 358 -5.73 -7.52 -8.49
CA LEU A 358 -4.48 -8.22 -8.27
C LEU A 358 -4.23 -9.21 -9.39
N ASN A 359 -3.03 -9.16 -9.96
CA ASN A 359 -2.58 -10.15 -10.92
C ASN A 359 -1.43 -10.94 -10.31
N TYR A 360 -1.53 -12.27 -10.39
CA TYR A 360 -0.54 -13.16 -9.82
C TYR A 360 -0.10 -14.15 -10.88
N THR A 361 1.20 -14.40 -10.98
CA THR A 361 1.60 -15.65 -11.61
C THR A 361 1.22 -16.78 -10.67
N ARG A 362 0.80 -17.90 -11.24
CA ARG A 362 0.46 -19.04 -10.41
C ARG A 362 1.72 -19.84 -10.05
N LEU A 363 1.67 -20.51 -8.89
CA LEU A 363 2.89 -21.10 -8.35
C LEU A 363 3.41 -22.22 -9.24
N ASP A 364 2.55 -22.89 -10.00
CA ASP A 364 2.97 -23.95 -10.90
C ASP A 364 2.94 -23.52 -12.37
N ASP A 365 2.84 -22.21 -12.64
CA ASP A 365 3.03 -21.72 -14.00
C ASP A 365 4.39 -22.19 -14.54
N PRO A 366 4.50 -22.46 -15.85
CA PRO A 366 5.82 -22.70 -16.43
C PRO A 366 6.74 -21.53 -16.10
N SER A 367 8.02 -21.84 -15.94
CA SER A 367 8.98 -20.79 -15.57
C SER A 367 9.00 -19.65 -16.58
N ASP A 368 8.71 -19.93 -17.85
CA ASP A 368 8.65 -18.87 -18.86
C ASP A 368 7.70 -17.76 -18.44
N LEU A 369 6.51 -18.12 -17.94
CA LEU A 369 5.52 -17.11 -17.59
C LEU A 369 5.85 -16.42 -16.26
N VAL A 370 6.52 -17.13 -15.33
CA VAL A 370 6.96 -16.49 -14.09
C VAL A 370 8.04 -15.46 -14.37
N ILE A 371 8.90 -15.75 -15.35
CA ILE A 371 10.01 -14.87 -15.69
C ILE A 371 9.53 -13.67 -16.49
N GLN A 372 8.57 -13.86 -17.41
CA GLN A 372 8.26 -12.87 -18.42
C GLN A 372 6.95 -12.13 -18.22
N THR A 373 6.08 -12.55 -17.31
CA THR A 373 4.79 -11.90 -17.14
C THR A 373 4.59 -11.43 -15.71
N GLN A 374 3.59 -10.57 -15.54
CA GLN A 374 3.23 -10.03 -14.24
C GLN A 374 1.91 -10.60 -13.75
N GLY A 375 1.53 -11.76 -14.25
CA GLY A 375 0.44 -12.52 -13.70
C GLY A 375 -0.86 -12.33 -14.46
N ARG A 376 -1.85 -13.07 -14.02
CA ARG A 376 -3.20 -12.93 -14.52
C ARG A 376 -4.15 -12.68 -13.35
N PRO A 377 -5.32 -12.09 -13.61
CA PRO A 377 -6.15 -11.57 -12.50
C PRO A 377 -6.52 -12.63 -11.48
N LEU A 378 -6.73 -12.18 -10.25
CA LEU A 378 -7.04 -13.06 -9.14
C LEU A 378 -8.41 -13.74 -9.33
N SER A 379 -9.43 -12.95 -9.65
CA SER A 379 -10.81 -13.42 -9.62
C SER A 379 -11.34 -13.76 -11.02
N PRO A 380 -12.14 -14.82 -11.13
CA PRO A 380 -12.83 -15.07 -12.41
C PRO A 380 -13.68 -13.89 -12.87
N ASP A 381 -14.11 -13.03 -11.96
CA ASP A 381 -14.94 -11.90 -12.29
C ASP A 381 -14.18 -10.57 -12.28
N ASP A 382 -12.85 -10.61 -12.19
CA ASP A 382 -12.05 -9.46 -12.56
C ASP A 382 -12.19 -9.23 -14.06
N GLU A 383 -12.76 -8.09 -14.43
CA GLU A 383 -12.95 -7.71 -15.83
C GLU A 383 -11.83 -6.77 -16.22
N ILE A 384 -11.23 -6.99 -17.38
CA ILE A 384 -10.18 -6.09 -17.85
C ILE A 384 -10.50 -5.65 -19.28
N ARG A 385 -10.21 -4.37 -19.56
CA ARG A 385 -10.20 -3.79 -20.89
C ARG A 385 -8.82 -3.17 -21.09
N VAL A 386 -8.34 -3.19 -22.32
CA VAL A 386 -7.09 -2.54 -22.69
C VAL A 386 -7.41 -1.63 -23.86
N VAL A 387 -7.26 -0.32 -23.66
CA VAL A 387 -7.83 0.65 -24.59
C VAL A 387 -6.75 1.57 -25.13
N ASP A 388 -6.98 2.06 -26.35
CA ASP A 388 -6.05 3.00 -26.97
C ASP A 388 -6.37 4.41 -26.46
N GLU A 389 -5.68 5.41 -27.01
CA GLU A 389 -5.79 6.77 -26.52
C GLU A 389 -7.17 7.37 -26.74
N ASP A 390 -8.03 6.71 -27.52
CA ASP A 390 -9.40 7.15 -27.74
C ASP A 390 -10.41 6.38 -26.89
N GLY A 391 -9.96 5.51 -25.99
CA GLY A 391 -10.85 4.68 -25.21
C GLY A 391 -11.38 3.44 -25.91
N ARG A 392 -10.93 3.15 -27.13
CA ARG A 392 -11.38 1.98 -27.86
C ARG A 392 -10.49 0.77 -27.55
N ASP A 393 -11.12 -0.40 -27.44
CA ASP A 393 -10.38 -1.62 -27.17
C ASP A 393 -9.29 -1.84 -28.21
N VAL A 394 -8.11 -2.22 -27.75
CA VAL A 394 -7.01 -2.52 -28.66
C VAL A 394 -7.19 -3.92 -29.24
N ALA A 395 -6.47 -4.18 -30.31
CA ALA A 395 -6.42 -5.51 -30.90
C ALA A 395 -5.68 -6.47 -29.97
N PRO A 396 -5.80 -7.79 -30.17
CA PRO A 396 -5.12 -8.74 -29.27
C PRO A 396 -3.61 -8.59 -29.30
N GLY A 397 -3.03 -8.41 -28.11
CA GLY A 397 -1.59 -8.28 -27.98
C GLY A 397 -1.03 -6.90 -28.22
N GLU A 398 -1.88 -5.91 -28.54
CA GLU A 398 -1.44 -4.53 -28.60
C GLU A 398 -1.37 -3.94 -27.18
N THR A 399 -0.54 -2.92 -27.02
CA THR A 399 -0.37 -2.22 -25.76
C THR A 399 -1.38 -1.08 -25.63
N GLY A 400 -1.98 -0.95 -24.45
CA GLY A 400 -2.88 0.14 -24.15
C GLY A 400 -3.08 0.27 -22.65
N GLU A 401 -3.95 1.20 -22.27
CA GLU A 401 -4.18 1.44 -20.87
C GLU A 401 -5.16 0.40 -20.30
N LEU A 402 -4.81 -0.13 -19.12
CA LEU A 402 -5.63 -1.12 -18.44
C LEU A 402 -6.77 -0.46 -17.67
N LEU A 403 -8.00 -0.85 -17.99
CA LEU A 403 -9.18 -0.50 -17.22
C LEU A 403 -9.72 -1.77 -16.58
N THR A 404 -10.24 -1.67 -15.36
CA THR A 404 -10.63 -2.88 -14.65
C THR A 404 -11.81 -2.64 -13.73
N ARG A 405 -12.59 -3.70 -13.52
CA ARG A 405 -13.82 -3.73 -12.74
C ARG A 405 -13.93 -5.13 -12.14
N GLY A 406 -14.30 -5.22 -10.86
CA GLY A 406 -14.34 -6.51 -10.23
C GLY A 406 -14.85 -6.52 -8.80
N PRO A 407 -14.87 -7.72 -8.18
CA PRO A 407 -15.48 -7.84 -6.84
C PRO A 407 -14.65 -7.24 -5.69
N TYR A 408 -13.45 -6.70 -5.95
CA TYR A 408 -12.71 -6.03 -4.89
C TYR A 408 -12.03 -4.76 -5.43
N THR A 409 -12.45 -4.26 -6.60
CA THR A 409 -11.96 -2.99 -7.14
C THR A 409 -12.97 -1.90 -6.85
N LEU A 410 -12.48 -0.75 -6.38
CA LEU A 410 -13.37 0.31 -5.93
C LEU A 410 -14.16 0.89 -7.10
N ARG A 411 -15.32 1.45 -6.79
CA ARG A 411 -16.10 2.22 -7.76
C ARG A 411 -15.87 3.72 -7.64
N GLY A 412 -15.14 4.14 -6.62
CA GLY A 412 -14.78 5.53 -6.41
C GLY A 412 -13.88 5.70 -5.21
N TYR A 413 -13.05 6.73 -5.22
CA TYR A 413 -12.29 7.09 -4.05
C TYR A 413 -13.20 7.73 -3.00
N TYR A 414 -12.68 7.83 -1.78
CA TYR A 414 -13.42 8.39 -0.66
C TYR A 414 -13.40 9.92 -0.72
N ARG A 415 -14.60 10.52 -0.71
CA ARG A 415 -14.77 11.98 -0.69
C ARG A 415 -13.93 12.66 -1.77
N ALA A 416 -14.04 12.16 -3.00
CA ALA A 416 -13.30 12.71 -4.14
C ALA A 416 -14.18 12.70 -5.38
N PRO A 417 -15.29 13.44 -5.36
CA PRO A 417 -16.24 13.36 -6.49
C PRO A 417 -15.66 13.81 -7.82
N GLU A 418 -14.82 14.85 -7.82
CA GLU A 418 -14.32 15.36 -9.08
C GLU A 418 -13.31 14.40 -9.70
N HIS A 419 -12.42 13.85 -8.89
CA HIS A 419 -11.47 12.86 -9.42
C HIS A 419 -12.19 11.58 -9.84
N ASN A 420 -13.23 11.17 -9.10
CA ASN A 420 -13.99 9.99 -9.49
C ASN A 420 -14.59 10.15 -10.88
N ALA A 421 -15.08 11.35 -11.21
CA ALA A 421 -15.65 11.62 -12.52
C ALA A 421 -14.61 11.47 -13.63
N ARG A 422 -13.33 11.70 -13.33
CA ARG A 422 -12.27 11.58 -14.32
C ARG A 422 -11.70 10.18 -14.42
N THR A 423 -11.74 9.40 -13.34
CA THR A 423 -10.93 8.18 -13.21
C THR A 423 -11.73 6.91 -13.41
N PHE A 424 -13.07 6.97 -13.38
CA PHE A 424 -13.90 5.79 -13.58
C PHE A 424 -14.83 6.05 -14.77
N SER A 425 -14.90 5.08 -15.68
CA SER A 425 -15.80 5.17 -16.81
C SER A 425 -17.25 5.19 -16.32
N ASP A 426 -18.14 5.60 -17.23
CA ASP A 426 -19.55 5.68 -16.89
C ASP A 426 -20.10 4.35 -16.36
N ASP A 427 -19.62 3.22 -16.87
CA ASP A 427 -20.11 1.91 -16.45
C ASP A 427 -19.25 1.26 -15.36
N GLY A 428 -18.38 2.03 -14.71
CA GLY A 428 -17.73 1.58 -13.50
C GLY A 428 -16.33 1.04 -13.63
N PHE A 429 -15.69 1.19 -14.80
CA PHE A 429 -14.32 0.72 -14.95
C PHE A 429 -13.33 1.74 -14.39
N TYR A 430 -12.43 1.25 -13.53
CA TYR A 430 -11.37 2.06 -12.98
C TYR A 430 -10.21 2.14 -13.96
N ARG A 431 -9.81 3.37 -14.31
CA ARG A 431 -8.66 3.62 -15.19
C ARG A 431 -7.37 3.54 -14.39
N THR A 432 -6.60 2.47 -14.57
CA THR A 432 -5.42 2.23 -13.74
C THR A 432 -4.27 3.17 -14.06
N GLY A 433 -4.20 3.69 -15.30
CA GLY A 433 -3.03 4.42 -15.73
C GLY A 433 -1.84 3.56 -16.10
N ASP A 434 -1.98 2.24 -16.08
CA ASP A 434 -0.92 1.32 -16.45
C ASP A 434 -1.07 0.90 -17.90
N LEU A 435 0.05 0.88 -18.63
CA LEU A 435 0.07 0.37 -19.98
C LEU A 435 0.46 -1.10 -19.93
N VAL A 436 -0.37 -1.97 -20.51
CA VAL A 436 -0.14 -3.42 -20.49
C VAL A 436 -0.49 -4.01 -21.85
N ARG A 437 -0.08 -5.25 -22.05
CA ARG A 437 -0.66 -6.09 -23.09
C ARG A 437 -1.06 -7.41 -22.48
N VAL A 438 -2.10 -8.01 -23.04
CA VAL A 438 -2.65 -9.27 -22.54
C VAL A 438 -2.24 -10.38 -23.49
N LEU A 439 -1.65 -11.45 -22.94
CA LEU A 439 -1.19 -12.59 -23.72
C LEU A 439 -2.33 -13.56 -23.97
N PRO A 440 -2.18 -14.48 -24.91
CA PRO A 440 -3.25 -15.46 -25.17
C PRO A 440 -3.67 -16.27 -23.96
N SER A 441 -2.75 -16.52 -23.02
CA SER A 441 -3.07 -17.24 -21.78
C SER A 441 -3.83 -16.40 -20.77
N GLY A 442 -3.98 -15.10 -21.01
CA GLY A 442 -4.57 -14.19 -20.05
C GLY A 442 -3.57 -13.51 -19.13
N HIS A 443 -2.30 -13.90 -19.20
CA HIS A 443 -1.27 -13.22 -18.43
C HIS A 443 -1.01 -11.84 -19.01
N LEU A 444 -0.64 -10.92 -18.13
CA LEU A 444 -0.37 -9.54 -18.48
C LEU A 444 1.14 -9.31 -18.50
N VAL A 445 1.58 -8.45 -19.40
CA VAL A 445 2.92 -7.89 -19.36
C VAL A 445 2.78 -6.37 -19.19
N VAL A 446 3.38 -5.85 -18.13
CA VAL A 446 3.34 -4.41 -17.88
C VAL A 446 4.36 -3.73 -18.76
N GLU A 447 3.90 -2.75 -19.56
CA GLU A 447 4.72 -2.11 -20.58
C GLU A 447 5.14 -0.69 -20.23
N GLY A 448 4.39 -0.01 -19.37
CA GLY A 448 4.75 1.35 -19.02
C GLY A 448 3.63 1.99 -18.24
N ARG A 449 3.58 3.32 -18.29
CA ARG A 449 2.55 4.03 -17.56
C ARG A 449 2.07 5.20 -18.38
N ALA A 450 0.76 5.46 -18.30
CA ALA A 450 0.14 6.67 -18.81
C ALA A 450 -0.01 7.75 -17.75
N LYS A 451 -0.28 7.36 -16.50
CA LYS A 451 -0.52 8.30 -15.42
C LYS A 451 0.73 9.13 -15.07
N ASP A 452 0.48 10.34 -14.57
CA ASP A 452 1.55 11.28 -14.20
C ASP A 452 1.96 11.02 -12.75
N GLN A 453 2.67 9.91 -12.57
CA GLN A 453 3.05 9.41 -11.26
C GLN A 453 4.34 8.63 -11.43
N ILE A 454 5.37 9.00 -10.67
CA ILE A 454 6.66 8.35 -10.76
C ILE A 454 6.69 7.15 -9.83
N ASN A 455 7.21 6.03 -10.32
CA ASN A 455 7.32 4.79 -9.56
C ASN A 455 8.78 4.61 -9.16
N ARG A 456 9.13 5.10 -7.96
CA ARG A 456 10.52 5.11 -7.50
C ARG A 456 10.73 3.91 -6.58
N GLY A 457 11.20 2.81 -7.16
CA GLY A 457 11.46 1.61 -6.38
C GLY A 457 10.24 1.03 -5.68
N GLY A 458 9.06 1.13 -6.30
CA GLY A 458 7.81 0.72 -5.69
C GLY A 458 7.08 1.82 -4.95
N ASP A 459 7.75 2.93 -4.64
CA ASP A 459 7.12 4.09 -4.00
C ASP A 459 6.54 5.00 -5.08
N LYS A 460 5.25 5.29 -4.97
CA LYS A 460 4.54 6.05 -5.99
C LYS A 460 4.54 7.53 -5.63
N ILE A 461 4.97 8.36 -6.58
CA ILE A 461 5.07 9.81 -6.39
C ILE A 461 4.12 10.50 -7.36
N SER A 462 3.04 11.07 -6.84
CA SER A 462 2.18 11.92 -7.66
C SER A 462 2.94 13.18 -8.08
N ALA A 463 3.11 13.36 -9.40
CA ALA A 463 3.89 14.50 -9.88
C ALA A 463 3.26 15.81 -9.47
N GLU A 464 1.95 15.92 -9.65
CA GLU A 464 1.24 17.18 -9.38
C GLU A 464 1.30 17.55 -7.90
N GLU A 465 1.21 16.54 -7.01
CA GLU A 465 1.37 16.82 -5.58
C GLU A 465 2.77 17.34 -5.28
N LEU A 466 3.80 16.67 -5.81
CA LEU A 466 5.17 17.12 -5.59
C LEU A 466 5.43 18.48 -6.24
N GLU A 467 4.87 18.70 -7.43
CA GLU A 467 5.06 19.98 -8.13
C GLU A 467 4.48 21.14 -7.34
N ASN A 468 3.32 20.94 -6.71
CA ASN A 468 2.71 22.01 -5.93
C ASN A 468 3.54 22.36 -4.68
N HIS A 469 4.10 21.35 -4.02
CA HIS A 469 5.00 21.62 -2.89
C HIS A 469 6.21 22.42 -3.34
N ILE A 470 6.83 22.01 -4.46
CA ILE A 470 8.04 22.66 -4.94
C ILE A 470 7.75 24.12 -5.35
N MET A 471 6.58 24.37 -5.93
CA MET A 471 6.22 25.72 -6.32
C MET A 471 5.91 26.63 -5.14
N ALA A 472 5.72 26.09 -3.95
CA ALA A 472 5.64 26.93 -2.76
C ALA A 472 6.99 27.51 -2.37
N HIS A 473 8.09 27.02 -2.93
CA HIS A 473 9.40 27.58 -2.63
C HIS A 473 9.52 28.99 -3.22
N PRO A 474 10.02 29.97 -2.45
CA PRO A 474 10.04 31.36 -2.94
C PRO A 474 10.90 31.58 -4.19
N GLY A 475 11.84 30.70 -4.49
CA GLY A 475 12.63 30.85 -5.69
C GLY A 475 12.10 30.12 -6.90
N VAL A 476 10.93 29.50 -6.82
CA VAL A 476 10.39 28.65 -7.87
C VAL A 476 9.10 29.27 -8.37
N HIS A 477 9.00 29.45 -9.68
CA HIS A 477 7.76 29.90 -10.29
C HIS A 477 6.93 28.72 -10.81
N ASP A 478 7.56 27.80 -11.51
CA ASP A 478 6.87 26.65 -12.06
C ASP A 478 7.75 25.43 -11.88
N ALA A 479 7.12 24.28 -11.70
CA ALA A 479 7.84 23.04 -11.48
C ALA A 479 7.19 21.94 -12.29
N ALA A 480 8.01 21.09 -12.92
CA ALA A 480 7.53 19.92 -13.63
C ALA A 480 8.35 18.73 -13.17
N VAL A 481 7.70 17.72 -12.59
CA VAL A 481 8.39 16.55 -12.06
C VAL A 481 8.34 15.44 -13.11
N VAL A 482 9.51 14.90 -13.46
CA VAL A 482 9.69 14.00 -14.60
C VAL A 482 10.44 12.77 -14.11
N GLY A 483 9.95 11.58 -14.49
CA GLY A 483 10.67 10.34 -14.18
C GLY A 483 11.85 10.11 -15.13
N MET A 484 12.97 9.68 -14.55
CA MET A 484 14.16 9.27 -15.28
C MET A 484 14.40 7.79 -15.04
N PRO A 485 14.68 7.00 -16.09
CA PRO A 485 14.93 5.58 -15.89
C PRO A 485 16.11 5.32 -14.94
N ASP A 486 16.01 4.24 -14.18
CA ASP A 486 17.08 3.81 -13.30
C ASP A 486 17.14 2.29 -13.27
N ALA A 487 18.36 1.74 -13.40
CA ALA A 487 18.51 0.30 -13.60
C ALA A 487 18.03 -0.48 -12.40
N THR A 488 18.30 -0.01 -11.18
CA THR A 488 17.93 -0.75 -9.98
C THR A 488 16.73 -0.17 -9.26
N MET A 489 16.42 1.10 -9.46
CA MET A 489 15.31 1.73 -8.78
C MET A 489 14.09 1.90 -9.68
N GLY A 490 14.22 1.57 -10.96
CA GLY A 490 13.13 1.74 -11.91
C GLY A 490 13.05 3.16 -12.44
N GLU A 491 12.70 4.10 -11.57
CA GLU A 491 12.64 5.51 -11.91
C GLU A 491 13.21 6.31 -10.75
N ARG A 492 13.84 7.43 -11.08
CA ARG A 492 14.21 8.46 -10.14
C ARG A 492 13.47 9.74 -10.52
N THR A 493 13.50 10.71 -9.62
CA THR A 493 12.68 11.92 -9.72
C THR A 493 13.56 13.11 -10.11
N CYS A 494 13.25 13.75 -11.23
CA CYS A 494 13.90 14.99 -11.65
C CYS A 494 12.90 16.14 -11.48
N ALA A 495 13.30 17.15 -10.71
CA ALA A 495 12.48 18.36 -10.54
C ALA A 495 12.99 19.42 -11.53
N CYS A 496 12.19 19.69 -12.56
CA CYS A 496 12.47 20.75 -13.52
C CYS A 496 11.80 22.04 -13.05
N LEU A 497 12.58 23.10 -12.93
CA LEU A 497 12.17 24.34 -12.26
C LEU A 497 12.31 25.54 -13.17
N VAL A 498 11.29 26.38 -13.18
CA VAL A 498 11.38 27.72 -13.76
C VAL A 498 11.56 28.70 -12.60
N PRO A 499 12.65 29.46 -12.54
CA PRO A 499 12.90 30.30 -11.37
C PRO A 499 11.86 31.40 -11.24
N ARG A 500 11.60 31.76 -9.98
CA ARG A 500 10.80 32.94 -9.69
C ARG A 500 11.45 34.17 -10.33
N ALA A 501 10.63 35.07 -10.86
CA ALA A 501 11.16 36.21 -11.63
C ALA A 501 12.16 37.03 -10.81
N GLY A 502 13.38 37.15 -11.33
CA GLY A 502 14.41 37.89 -10.64
C GLY A 502 14.99 37.20 -9.43
N ARG A 503 14.76 35.90 -9.29
CA ARG A 503 15.21 35.13 -8.14
C ARG A 503 15.88 33.83 -8.61
N SER A 504 16.77 33.32 -7.79
CA SER A 504 17.45 32.07 -8.09
C SER A 504 16.62 30.88 -7.61
N ALA A 505 16.50 29.87 -8.47
CA ALA A 505 15.91 28.61 -8.04
C ALA A 505 16.87 27.86 -7.12
N PRO A 506 16.35 27.04 -6.20
CA PRO A 506 17.22 26.28 -5.32
C PRO A 506 17.85 25.07 -6.02
N ALA A 507 19.00 24.64 -5.48
CA ALA A 507 19.63 23.40 -5.88
C ALA A 507 19.00 22.23 -5.13
N GLN A 508 19.49 21.00 -5.40
CA GLN A 508 18.86 19.80 -4.85
C GLN A 508 18.84 19.78 -3.33
N ARG A 509 19.96 20.10 -2.68
CA ARG A 509 20.02 19.98 -1.23
C ARG A 509 19.11 20.97 -0.53
N GLU A 510 19.09 22.24 -0.97
CA GLU A 510 18.18 23.20 -0.34
C GLU A 510 16.71 22.82 -0.56
N LEU A 511 16.36 22.37 -1.76
CA LEU A 511 14.98 21.98 -2.03
C LEU A 511 14.58 20.79 -1.16
N ALA A 512 15.47 19.81 -1.00
CA ALA A 512 15.17 18.68 -0.13
C ALA A 512 14.88 19.15 1.29
N ALA A 513 15.68 20.10 1.80
CA ALA A 513 15.47 20.59 3.16
C ALA A 513 14.15 21.37 3.28
N PHE A 514 13.83 22.16 2.25
CA PHE A 514 12.57 22.88 2.22
C PHE A 514 11.38 21.92 2.25
N LEU A 515 11.40 20.89 1.39
CA LEU A 515 10.30 19.93 1.32
C LEU A 515 10.17 19.13 2.61
N THR A 516 11.30 18.74 3.20
CA THR A 516 11.27 18.00 4.46
C THR A 516 10.64 18.83 5.58
N ASP A 517 11.01 20.12 5.68
CA ASP A 517 10.40 21.01 6.67
C ASP A 517 8.92 21.24 6.39
N ARG A 518 8.52 21.20 5.12
CA ARG A 518 7.12 21.34 4.73
C ARG A 518 6.28 20.11 5.10
N GLY A 519 6.92 18.99 5.40
CA GLY A 519 6.22 17.77 5.74
C GLY A 519 6.00 16.80 4.60
N VAL A 520 6.93 16.74 3.63
CA VAL A 520 6.83 15.84 2.49
C VAL A 520 7.64 14.59 2.80
N ALA A 521 7.06 13.42 2.56
CA ALA A 521 7.73 12.15 2.80
C ALA A 521 9.04 12.07 2.01
N ALA A 522 10.05 11.42 2.60
CA ALA A 522 11.41 11.52 2.04
C ALA A 522 11.53 10.81 0.69
N TYR A 523 10.69 9.80 0.42
CA TYR A 523 10.80 9.13 -0.87
C TYR A 523 10.30 10.02 -2.03
N LYS A 524 9.64 11.14 -1.73
CA LYS A 524 9.19 12.09 -2.73
C LYS A 524 10.20 13.19 -3.02
N LEU A 525 11.35 13.22 -2.33
CA LEU A 525 12.33 14.28 -2.55
C LEU A 525 13.03 14.08 -3.88
N PRO A 526 13.11 15.11 -4.74
CA PRO A 526 13.72 14.94 -6.06
C PRO A 526 15.17 14.47 -5.96
N ASP A 527 15.50 13.48 -6.79
CA ASP A 527 16.87 13.03 -6.92
C ASP A 527 17.77 14.05 -7.62
N ARG A 528 17.17 14.94 -8.40
CA ARG A 528 17.90 15.78 -9.32
C ARG A 528 17.07 17.03 -9.59
N VAL A 529 17.75 18.16 -9.77
CA VAL A 529 17.10 19.42 -10.09
C VAL A 529 17.69 19.95 -11.40
N GLU A 530 16.81 20.36 -12.32
CA GLU A 530 17.23 21.02 -13.55
C GLU A 530 16.49 22.34 -13.69
N VAL A 531 17.24 23.42 -13.87
CA VAL A 531 16.65 24.75 -13.99
C VAL A 531 16.61 25.11 -15.46
N MET A 532 15.50 25.73 -15.88
CA MET A 532 15.28 26.11 -17.26
C MET A 532 14.37 27.33 -17.27
N ASP A 533 14.37 28.04 -18.40
CA ASP A 533 13.61 29.27 -18.52
C ASP A 533 12.14 29.04 -18.85
N ALA A 534 11.79 27.88 -19.41
CA ALA A 534 10.42 27.55 -19.74
C ALA A 534 10.31 26.05 -20.01
N PHE A 535 9.10 25.52 -19.85
CA PHE A 535 8.88 24.11 -20.17
C PHE A 535 8.37 23.97 -21.58
N PRO A 536 8.75 22.90 -22.28
CA PRO A 536 8.09 22.59 -23.55
C PRO A 536 6.63 22.26 -23.29
N ARG A 537 5.78 22.65 -24.24
CA ARG A 537 4.35 22.43 -24.10
C ARG A 537 3.81 21.81 -25.39
N THR A 538 2.66 21.15 -25.23
CA THR A 538 1.97 20.52 -26.34
C THR A 538 1.12 21.57 -27.05
N SER A 539 0.24 21.14 -27.96
CA SER A 539 -0.61 22.11 -28.65
C SER A 539 -1.83 22.52 -27.82
N VAL A 540 -2.27 21.67 -26.90
CA VAL A 540 -3.28 22.12 -25.92
C VAL A 540 -2.64 23.08 -24.91
N GLY A 541 -1.32 23.10 -24.80
CA GLY A 541 -0.64 23.95 -23.84
C GLY A 541 -0.20 23.27 -22.56
N LYS A 542 -0.39 21.95 -22.45
CA LYS A 542 0.06 21.22 -21.27
C LYS A 542 1.57 20.98 -21.36
N THR A 543 2.23 20.91 -20.20
CA THR A 543 3.66 20.65 -20.17
C THR A 543 3.94 19.28 -20.79
N ASP A 544 4.83 19.26 -21.79
CA ASP A 544 5.21 18.04 -22.49
C ASP A 544 6.34 17.35 -21.72
N LYS A 545 5.98 16.37 -20.89
CA LYS A 545 7.00 15.71 -20.09
C LYS A 545 7.79 14.68 -20.89
N LYS A 546 7.24 14.19 -22.01
CA LYS A 546 8.04 13.38 -22.92
C LYS A 546 9.21 14.19 -23.47
N GLU A 547 8.97 15.45 -23.82
CA GLU A 547 10.04 16.30 -24.32
C GLU A 547 10.94 16.82 -23.19
N LEU A 548 10.39 17.02 -21.99
CA LEU A 548 11.24 17.33 -20.83
C LEU A 548 12.25 16.21 -20.56
N GLY A 549 11.80 14.96 -20.63
CA GLY A 549 12.74 13.86 -20.51
C GLY A 549 13.87 13.96 -21.51
N ARG A 550 13.55 14.33 -22.75
CA ARG A 550 14.57 14.48 -23.79
C ARG A 550 15.56 15.59 -23.45
N ARG A 551 15.05 16.71 -22.94
CA ARG A 551 15.92 17.81 -22.59
C ARG A 551 16.79 17.47 -21.38
N ILE A 552 16.23 16.72 -20.42
CA ILE A 552 17.02 16.28 -19.27
C ILE A 552 18.18 15.40 -19.72
N ALA A 553 17.96 14.54 -20.72
CA ALA A 553 19.00 13.63 -21.20
C ALA A 553 19.94 14.27 -22.22
N GLY A 554 19.81 15.58 -22.47
CA GLY A 554 20.72 16.25 -23.37
C GLY A 554 20.46 15.99 -24.84
N GLN A 555 19.24 15.64 -25.21
CA GLN A 555 18.88 15.40 -26.60
C GLN A 555 18.20 16.60 -27.27
#